data_6GUH
#
_entry.id   6GUH
#
_cell.length_a   53.321
_cell.length_b   71.296
_cell.length_c   72.114
_cell.angle_alpha   90.00
_cell.angle_beta   90.00
_cell.angle_gamma   90.00
#
_symmetry.space_group_name_H-M   'P 21 21 21'
#
loop_
_entity.id
_entity.type
_entity.pdbx_description
1 polymer 'Cyclin-dependent kinase 2'
2 non-polymer 4-(2-methyl-3-propan-2-yl-imidazol-4-yl)-~{N}-(4-methylsulfonylphenyl)pyrimidin-2-amine
3 non-polymer 1,2-ETHANEDIOL
4 water water
#
_entity_poly.entity_id   1
_entity_poly.type   'polypeptide(L)'
_entity_poly.pdbx_seq_one_letter_code
;GPLGSPEFMENFQKVEKIGEGTYGVVYKARNKLTGEVVALKKIRLDTETEGVPSTAIREISLLKELNHPNIVKLLDVIHT
ENKLYLVFEFLHQDLKKFMDASALTGIPLPLIKSYLFQLLQGLAFCHSHRVLHRDLKPQNLLINTEGAIKLADFGLARAF
GVPVRTYTHEVVTLWYRAPEILLGCKYYSTAVDIWSLGCIFAEMVTRRALFPGDSEIDQLFRIFRTLGTPDEVVWPGVTS
MPDYKPSFPKWARQDFSKVVPPLDEDGRSLLSQMLHYDPNKRISAKAALAHPFFQDVTKPVPHLRL
;
_entity_poly.pdbx_strand_id   A
#
loop_
_chem_comp.id
_chem_comp.type
_chem_comp.name
_chem_comp.formula
EDO non-polymer 1,2-ETHANEDIOL 'C2 H6 O2'
FB8 non-polymer 4-(2-methyl-3-propan-2-yl-imidazol-4-yl)-~{N}-(4-methylsulfonylphenyl)pyrimidin-2-amine 'C18 H21 N5 O2 S'
#
# COMPACT_ATOMS: atom_id res chain seq x y z
N GLU A 7 24.40 5.75 -20.85
CA GLU A 7 25.51 6.56 -20.24
C GLU A 7 25.42 6.48 -18.72
N PHE A 8 24.23 6.78 -18.21
CA PHE A 8 23.97 6.80 -16.77
C PHE A 8 24.25 5.47 -16.08
N MET A 9 23.83 4.39 -16.75
CA MET A 9 24.05 3.03 -16.27
C MET A 9 25.51 2.69 -16.07
N GLU A 10 26.43 3.37 -16.76
CA GLU A 10 27.86 3.20 -16.51
C GLU A 10 28.29 3.62 -15.11
N ASN A 11 27.43 4.33 -14.38
CA ASN A 11 27.66 4.55 -12.95
C ASN A 11 27.33 3.26 -12.10
N PHE A 12 26.64 2.27 -12.66
CA PHE A 12 25.94 1.20 -11.88
C PHE A 12 26.03 -0.19 -12.47
N GLN A 13 26.46 -1.15 -11.67
CA GLN A 13 26.41 -2.57 -11.98
C GLN A 13 25.03 -3.19 -11.69
N LYS A 14 24.27 -3.58 -12.71
CA LYS A 14 22.97 -4.26 -12.50
C LYS A 14 23.19 -5.64 -11.96
N VAL A 15 22.81 -5.87 -10.71
CA VAL A 15 23.04 -7.18 -10.06
C VAL A 15 21.92 -8.16 -10.42
N GLU A 16 20.68 -7.74 -10.30
CA GLU A 16 19.54 -8.54 -10.68
C GLU A 16 18.31 -7.66 -10.82
N LYS A 17 17.30 -8.22 -11.44
CA LYS A 17 16.06 -7.54 -11.66
C LYS A 17 15.20 -7.93 -10.48
N ILE A 18 14.64 -6.95 -9.79
CA ILE A 18 13.72 -7.19 -8.61
C ILE A 18 12.23 -6.80 -8.71
N GLY A 19 11.84 -6.15 -9.79
CA GLY A 19 10.48 -5.77 -9.98
C GLY A 19 10.24 -5.23 -11.37
N GLU A 20 8.99 -5.30 -11.80
CA GLU A 20 8.54 -4.76 -13.08
C GLU A 20 7.52 -3.79 -12.55
N GLY A 21 7.98 -2.94 -11.64
CA GLY A 21 7.16 -1.93 -10.98
C GLY A 21 6.07 -1.36 -11.86
N THR A 22 5.19 -0.54 -11.28
CA THR A 22 4.08 0.04 -12.04
C THR A 22 4.51 0.95 -13.21
N TYR A 23 5.66 1.60 -13.06
CA TYR A 23 6.19 2.50 -14.02
C TYR A 23 7.39 1.98 -14.78
N GLY A 24 8.12 1.06 -14.18
CA GLY A 24 9.26 0.54 -14.86
C GLY A 24 9.92 -0.56 -14.13
N VAL A 25 11.08 -0.93 -14.60
CA VAL A 25 11.84 -2.06 -14.09
C VAL A 25 12.69 -1.57 -12.95
N VAL A 26 12.87 -2.40 -11.92
CA VAL A 26 13.72 -2.08 -10.78
C VAL A 26 14.77 -3.14 -10.65
N TYR A 27 16.00 -2.65 -10.57
CA TYR A 27 17.15 -3.40 -10.43
C TYR A 27 17.81 -3.18 -9.07
N LYS A 28 18.35 -4.27 -8.58
CA LYS A 28 19.34 -4.16 -7.55
C LYS A 28 20.61 -3.77 -8.28
N ALA A 29 21.29 -2.77 -7.83
CA ALA A 29 22.47 -2.30 -8.48
C ALA A 29 23.53 -1.83 -7.51
N ARG A 30 24.77 -1.84 -7.96
CA ARG A 30 25.90 -1.40 -7.15
C ARG A 30 26.64 -0.20 -7.75
N ASN A 31 26.54 0.95 -7.09
CA ASN A 31 27.19 2.17 -7.51
C ASN A 31 28.66 1.85 -7.73
N LYS A 32 29.06 1.91 -9.01
CA LYS A 32 30.37 1.45 -9.50
C LYS A 32 31.56 2.09 -8.82
N LEU A 33 31.40 3.34 -8.35
CA LEU A 33 32.46 4.05 -7.64
C LEU A 33 32.36 3.86 -6.11
N THR A 34 31.24 4.26 -5.51
CA THR A 34 31.07 4.14 -4.03
C THR A 34 30.91 2.69 -3.51
N GLY A 35 30.51 1.75 -4.37
CA GLY A 35 30.02 0.48 -3.88
C GLY A 35 28.76 0.53 -3.01
N GLU A 36 28.05 1.66 -2.90
CA GLU A 36 26.68 1.63 -2.33
C GLU A 36 25.78 0.65 -3.14
N VAL A 37 25.03 -0.21 -2.42
CA VAL A 37 23.99 -1.05 -3.11
C VAL A 37 22.66 -0.41 -2.91
N VAL A 38 21.92 -0.30 -4.03
CA VAL A 38 20.75 0.50 -4.21
C VAL A 38 19.78 -0.27 -5.05
N ALA A 39 18.56 0.21 -5.01
CA ALA A 39 17.55 -0.21 -5.99
C ALA A 39 17.49 0.93 -6.98
N LEU A 40 17.54 0.55 -8.25
CA LEU A 40 17.46 1.51 -9.37
C LEU A 40 16.24 1.32 -10.21
N LYS A 41 15.36 2.31 -10.32
CA LYS A 41 14.16 2.19 -11.14
C LYS A 41 14.37 2.95 -12.42
N LYS A 42 14.14 2.31 -13.57
CA LYS A 42 14.25 2.96 -14.86
C LYS A 42 12.82 3.17 -15.36
N ILE A 43 12.38 4.42 -15.45
CA ILE A 43 11.16 4.69 -16.24
C ILE A 43 11.43 5.21 -17.64
N ARG A 44 10.73 4.65 -18.64
CA ARG A 44 10.77 5.15 -20.04
C ARG A 44 9.66 6.18 -20.29
N LEU A 45 9.99 7.16 -21.13
CA LEU A 45 9.15 8.34 -21.38
C LEU A 45 8.71 8.40 -22.84
N SER A 54 8.15 17.74 -17.18
CA SER A 54 8.81 18.69 -16.30
C SER A 54 8.04 18.75 -14.99
N THR A 55 6.71 18.71 -15.16
CA THR A 55 5.76 18.54 -14.08
C THR A 55 6.15 17.35 -13.16
N ALA A 56 6.42 16.20 -13.77
CA ALA A 56 6.80 15.03 -13.00
C ALA A 56 8.16 15.23 -12.32
N ILE A 57 9.14 15.78 -13.06
CA ILE A 57 10.49 16.03 -12.48
C ILE A 57 10.41 16.85 -11.18
N ARG A 58 9.64 17.92 -11.21
CA ARG A 58 9.52 18.81 -10.06
C ARG A 58 8.80 18.08 -8.89
N GLU A 59 7.79 17.32 -9.23
CA GLU A 59 6.99 16.69 -8.17
C GLU A 59 7.81 15.57 -7.52
N ILE A 60 8.43 14.75 -8.36
CA ILE A 60 9.26 13.64 -7.89
C ILE A 60 10.45 14.14 -7.14
N SER A 61 11.02 15.25 -7.59
CA SER A 61 12.13 15.85 -6.83
C SER A 61 11.74 16.26 -5.41
N LEU A 62 10.47 16.65 -5.19
CA LEU A 62 9.98 17.03 -3.86
C LEU A 62 9.91 15.86 -2.88
N LEU A 63 9.65 14.69 -3.42
CA LEU A 63 9.70 13.41 -2.67
C LEU A 63 11.07 13.05 -2.06
N LYS A 64 12.17 13.63 -2.55
CA LYS A 64 13.49 13.49 -1.99
C LYS A 64 13.54 14.07 -0.57
N GLU A 65 12.58 14.92 -0.24
CA GLU A 65 12.52 15.54 1.08
C GLU A 65 11.59 14.81 2.05
N LEU A 66 10.75 13.91 1.55
CA LEU A 66 9.78 13.21 2.34
C LEU A 66 10.52 11.98 2.93
N ASN A 67 11.33 12.22 3.94
CA ASN A 67 12.12 11.28 4.63
C ASN A 67 11.56 10.87 6.01
N HIS A 68 11.46 9.54 6.21
CA HIS A 68 10.91 8.92 7.41
C HIS A 68 11.37 7.49 7.48
N PRO A 69 11.63 6.95 8.67
CA PRO A 69 12.14 5.58 8.84
C PRO A 69 11.25 4.48 8.22
N ASN A 70 9.98 4.76 8.05
CA ASN A 70 9.07 3.83 7.39
C ASN A 70 8.70 4.20 5.97
N ILE A 71 9.51 4.99 5.26
CA ILE A 71 9.46 5.28 3.87
C ILE A 71 10.76 4.94 3.24
N VAL A 72 10.78 4.20 2.16
CA VAL A 72 11.98 3.86 1.50
C VAL A 72 12.64 5.16 0.94
N LYS A 73 13.92 5.32 1.33
CA LYS A 73 14.56 6.62 1.07
C LYS A 73 14.86 6.77 -0.42
N LEU A 74 14.36 7.86 -0.98
CA LEU A 74 14.65 8.24 -2.38
C LEU A 74 15.97 9.01 -2.36
N LEU A 75 17.01 8.43 -2.94
CA LEU A 75 18.39 9.03 -2.89
C LEU A 75 18.60 10.05 -3.97
N ASP A 76 18.18 9.75 -5.17
CA ASP A 76 18.38 10.67 -6.32
C ASP A 76 17.38 10.44 -7.41
N VAL A 77 17.19 11.46 -8.25
CA VAL A 77 16.23 11.44 -9.31
C VAL A 77 17.07 11.93 -10.49
N ILE A 78 17.32 11.08 -11.49
CA ILE A 78 18.04 11.54 -12.69
C ILE A 78 17.16 11.53 -13.93
N HIS A 79 17.14 12.66 -14.66
CA HIS A 79 16.46 12.78 -15.95
C HIS A 79 17.59 12.82 -16.98
N THR A 80 17.65 11.84 -17.88
CA THR A 80 18.71 11.83 -18.88
C THR A 80 18.25 11.01 -20.04
N GLU A 81 18.47 11.56 -21.25
CA GLU A 81 18.09 10.92 -22.51
C GLU A 81 16.70 10.21 -22.55
N ASN A 82 15.61 10.93 -22.29
CA ASN A 82 14.23 10.37 -22.29
C ASN A 82 14.05 9.15 -21.35
N LYS A 83 14.83 9.16 -20.29
CA LYS A 83 14.66 8.20 -19.23
C LYS A 83 14.69 8.98 -17.91
N LEU A 84 13.81 8.58 -16.99
CA LEU A 84 13.86 9.00 -15.62
C LEU A 84 14.38 7.81 -14.82
N TYR A 85 15.48 8.02 -14.08
CA TYR A 85 15.93 7.02 -13.08
C TYR A 85 15.71 7.46 -11.67
N LEU A 86 15.23 6.54 -10.83
CA LEU A 86 15.08 6.84 -9.41
C LEU A 86 15.93 5.87 -8.60
N VAL A 87 16.75 6.41 -7.72
CA VAL A 87 17.75 5.61 -6.94
C VAL A 87 17.31 5.61 -5.50
N PHE A 88 17.12 4.41 -4.95
CA PHE A 88 16.56 4.21 -3.60
C PHE A 88 17.52 3.46 -2.74
N GLU A 89 17.27 3.54 -1.44
CA GLU A 89 18.00 2.69 -0.50
C GLU A 89 17.41 1.30 -0.79
N PHE A 90 18.23 0.25 -0.70
CA PHE A 90 17.86 -1.08 -1.01
C PHE A 90 17.36 -1.84 0.20
N LEU A 91 16.24 -2.50 0.06
CA LEU A 91 15.78 -3.49 1.02
C LEU A 91 15.70 -4.80 0.36
N HIS A 92 15.80 -5.88 1.14
CA HIS A 92 15.94 -7.19 0.52
C HIS A 92 14.71 -7.94 0.15
N GLN A 93 13.56 -7.63 0.71
CA GLN A 93 12.38 -8.31 0.23
C GLN A 93 11.14 -7.54 0.50
N ASP A 94 10.12 -7.95 -0.23
CA ASP A 94 8.76 -7.38 -0.07
C ASP A 94 7.92 -8.23 0.88
N LEU A 95 6.83 -7.60 1.31
CA LEU A 95 5.88 -8.27 2.22
C LEU A 95 5.16 -9.42 1.56
N LYS A 96 4.91 -9.26 0.26
CA LYS A 96 4.24 -10.36 -0.48
C LYS A 96 5.03 -11.66 -0.36
N LYS A 97 6.33 -11.56 -0.52
CA LYS A 97 7.17 -12.79 -0.39
C LYS A 97 7.20 -13.32 1.02
N PHE A 98 7.21 -12.46 2.05
CA PHE A 98 7.17 -12.90 3.40
C PHE A 98 5.81 -13.53 3.75
N MET A 99 4.74 -12.99 3.17
CA MET A 99 3.40 -13.50 3.42
C MET A 99 3.23 -14.88 2.79
N ASP A 100 3.79 -15.03 1.59
CA ASP A 100 3.74 -16.30 0.85
C ASP A 100 4.58 -17.30 1.61
N ALA A 101 5.82 -16.99 1.96
CA ALA A 101 6.65 -17.87 2.86
C ALA A 101 6.04 -18.27 4.22
N SER A 102 5.33 -17.36 4.87
CA SER A 102 4.71 -17.61 6.16
C SER A 102 3.33 -18.27 6.05
N ALA A 103 2.96 -18.73 4.87
CA ALA A 103 1.59 -19.14 4.59
C ALA A 103 1.09 -20.35 5.40
N LEU A 104 1.95 -21.35 5.63
CA LEU A 104 1.55 -22.55 6.39
C LEU A 104 1.32 -22.23 7.85
N THR A 105 2.05 -21.26 8.36
CA THR A 105 2.11 -21.00 9.79
C THR A 105 1.38 -19.70 10.23
N GLY A 106 1.39 -18.72 9.37
CA GLY A 106 0.89 -17.43 9.71
C GLY A 106 1.97 -16.53 10.31
N ILE A 107 1.99 -15.29 9.88
CA ILE A 107 2.79 -14.29 10.53
C ILE A 107 2.29 -14.13 11.97
N PRO A 108 3.16 -14.25 12.97
CA PRO A 108 2.72 -14.10 14.33
C PRO A 108 2.05 -12.75 14.66
N LEU A 109 0.99 -12.80 15.41
CA LEU A 109 0.26 -11.53 15.64
C LEU A 109 1.14 -10.36 16.09
N PRO A 110 2.10 -10.55 17.08
CA PRO A 110 2.89 -9.41 17.38
C PRO A 110 3.68 -8.78 16.22
N LEU A 111 4.08 -9.56 15.25
CA LEU A 111 4.75 -9.05 14.07
C LEU A 111 3.77 -8.32 13.14
N ILE A 112 2.57 -8.90 12.94
CA ILE A 112 1.54 -8.21 12.14
C ILE A 112 1.32 -6.87 12.79
N LYS A 113 1.12 -6.84 14.12
CA LYS A 113 0.86 -5.62 14.86
C LYS A 113 1.94 -4.55 14.66
N SER A 114 3.20 -5.00 14.78
CA SER A 114 4.33 -4.13 14.63
C SER A 114 4.34 -3.59 13.20
N TYR A 115 4.10 -4.43 12.21
CA TYR A 115 4.12 -3.95 10.80
C TYR A 115 2.98 -2.95 10.55
N LEU A 116 1.80 -3.25 11.11
CA LEU A 116 0.73 -2.30 10.92
C LEU A 116 1.01 -0.93 11.54
N PHE A 117 1.49 -0.97 12.78
CA PHE A 117 1.79 0.24 13.52
C PHE A 117 2.84 1.11 12.80
N GLN A 118 3.86 0.44 12.29
CA GLN A 118 4.93 1.09 11.50
C GLN A 118 4.40 1.74 10.20
N LEU A 119 3.55 0.98 9.50
CA LEU A 119 2.97 1.49 8.26
C LEU A 119 2.08 2.71 8.57
N LEU A 120 1.31 2.62 9.62
CA LEU A 120 0.55 3.74 10.10
C LEU A 120 1.35 4.97 10.45
N GLN A 121 2.51 4.73 11.07
CA GLN A 121 3.40 5.85 11.30
C GLN A 121 3.86 6.46 10.02
N GLY A 122 4.25 5.68 9.05
CA GLY A 122 4.58 6.18 7.73
C GLY A 122 3.51 6.94 7.04
N LEU A 123 2.30 6.40 7.04
CA LEU A 123 1.21 7.11 6.50
C LEU A 123 0.90 8.39 7.22
N ALA A 124 0.90 8.36 8.57
CA ALA A 124 0.65 9.60 9.29
C ALA A 124 1.63 10.70 8.84
N PHE A 125 2.88 10.33 8.64
CA PHE A 125 3.92 11.26 8.22
C PHE A 125 3.56 11.83 6.85
N CYS A 126 3.34 10.96 5.87
CA CYS A 126 3.19 11.52 4.53
CA CYS A 126 3.10 11.45 4.49
C CYS A 126 1.85 12.27 4.42
N HIS A 127 0.82 11.79 5.10
CA HIS A 127 -0.46 12.46 5.11
C HIS A 127 -0.38 13.83 5.75
N SER A 128 0.40 13.96 6.82
CA SER A 128 0.65 15.26 7.43
C SER A 128 1.28 16.26 6.47
N HIS A 129 2.01 15.78 5.49
CA HIS A 129 2.63 16.56 4.43
C HIS A 129 1.82 16.62 3.10
N ARG A 130 0.57 16.18 3.16
CA ARG A 130 -0.41 16.13 2.11
C ARG A 130 0.03 15.32 0.91
N VAL A 131 0.75 14.21 1.19
CA VAL A 131 1.26 13.29 0.17
C VAL A 131 0.43 12.04 0.36
N LEU A 132 -0.17 11.55 -0.74
CA LEU A 132 -0.85 10.27 -0.71
C LEU A 132 0.00 9.23 -1.41
N HIS A 133 -0.23 7.97 -1.06
CA HIS A 133 0.37 6.90 -1.78
C HIS A 133 -0.42 6.51 -3.00
N ARG A 134 -1.68 6.14 -2.80
CA ARG A 134 -2.60 5.82 -3.88
C ARG A 134 -2.54 4.41 -4.48
N ASP A 135 -1.56 3.63 -4.06
CA ASP A 135 -1.43 2.25 -4.62
C ASP A 135 -0.68 1.36 -3.61
N LEU A 136 -1.06 1.37 -2.32
CA LEU A 136 -0.46 0.48 -1.38
C LEU A 136 -0.86 -0.98 -1.66
N LYS A 137 0.07 -1.90 -1.55
CA LYS A 137 -0.13 -3.31 -1.80
C LYS A 137 1.03 -4.06 -1.23
N PRO A 138 0.94 -5.31 -0.96
CA PRO A 138 2.09 -6.06 -0.34
C PRO A 138 3.33 -5.97 -1.17
N GLN A 139 3.23 -5.93 -2.49
CA GLN A 139 4.43 -5.78 -3.39
C GLN A 139 5.15 -4.46 -3.26
N ASN A 140 4.57 -3.47 -2.60
CA ASN A 140 5.41 -2.21 -2.41
CA ASN A 140 5.19 -2.14 -2.36
C ASN A 140 5.60 -1.89 -0.95
N LEU A 141 5.55 -2.90 -0.08
CA LEU A 141 5.92 -2.77 1.32
C LEU A 141 7.16 -3.65 1.49
N LEU A 142 8.26 -3.06 1.94
CA LEU A 142 9.51 -3.74 1.99
C LEU A 142 10.04 -3.89 3.38
N ILE A 143 10.71 -5.03 3.65
CA ILE A 143 11.06 -5.35 5.01
C ILE A 143 12.56 -5.67 5.13
N ASN A 144 13.04 -5.51 6.37
CA ASN A 144 14.49 -5.85 6.59
C ASN A 144 14.59 -6.85 7.72
N THR A 145 15.85 -7.20 8.04
CA THR A 145 16.07 -8.13 9.14
C THR A 145 15.88 -7.54 10.48
N GLU A 146 15.81 -6.23 10.56
CA GLU A 146 15.71 -5.60 11.83
C GLU A 146 14.30 -5.38 12.37
N GLY A 147 13.33 -5.89 11.63
CA GLY A 147 11.91 -5.75 12.03
C GLY A 147 11.26 -4.55 11.40
N ALA A 148 11.95 -3.71 10.64
CA ALA A 148 11.31 -2.59 9.93
C ALA A 148 10.51 -3.02 8.72
N ILE A 149 9.49 -2.22 8.46
CA ILE A 149 8.76 -2.28 7.19
C ILE A 149 8.65 -0.86 6.66
N LYS A 150 8.71 -0.70 5.33
CA LYS A 150 8.78 0.60 4.70
C LYS A 150 7.90 0.66 3.46
N LEU A 151 7.29 1.81 3.31
CA LEU A 151 6.42 2.10 2.10
C LEU A 151 7.25 2.48 0.92
N ALA A 152 7.05 1.87 -0.20
CA ALA A 152 7.82 2.17 -1.43
C ALA A 152 6.82 2.62 -2.52
N ASP A 153 7.38 3.05 -3.62
N ASP A 153 7.27 3.39 -3.52
CA ASP A 153 6.69 3.02 -4.90
CA ASP A 153 6.44 3.89 -4.69
C ASP A 153 5.48 3.90 -4.83
C ASP A 153 5.61 5.10 -4.27
N PHE A 154 5.62 5.10 -4.29
N PHE A 154 6.09 5.77 -3.23
CA PHE A 154 4.45 6.04 -4.23
CA PHE A 154 5.34 6.81 -2.59
C PHE A 154 3.78 6.28 -5.59
C PHE A 154 5.24 8.17 -3.30
N GLY A 155 2.44 6.28 -5.68
N GLY A 155 4.01 8.65 -3.42
CA GLY A 155 1.81 6.17 -7.02
CA GLY A 155 3.65 9.91 -4.12
C GLY A 155 1.02 7.30 -7.70
C GLY A 155 3.87 9.90 -5.62
N LEU A 156 1.69 8.35 -8.15
N LEU A 156 4.36 8.81 -6.18
CA LEU A 156 0.95 9.45 -8.85
CA LEU A 156 4.70 8.92 -7.61
C LEU A 156 1.74 10.01 -10.01
C LEU A 156 3.61 9.75 -8.36
N ARG A 165 -2.46 -1.51 -17.25
CA ARG A 165 -1.31 -2.44 -17.31
C ARG A 165 0.00 -1.75 -16.95
N THR A 166 0.98 -2.53 -16.49
CA THR A 166 2.37 -2.02 -16.32
C THR A 166 3.03 -1.89 -17.72
N TYR A 167 4.23 -1.30 -17.80
CA TYR A 167 5.08 -1.33 -19.05
C TYR A 167 5.33 -2.77 -19.66
N THR A 168 5.26 -3.80 -18.79
CA THR A 168 5.31 -5.24 -19.17
C THR A 168 3.91 -5.83 -19.42
N HIS A 169 2.90 -4.98 -19.57
CA HIS A 169 1.54 -5.43 -19.88
C HIS A 169 0.89 -6.26 -18.72
N GLU A 170 1.58 -6.43 -17.57
CA GLU A 170 0.99 -7.12 -16.41
C GLU A 170 -0.14 -6.25 -15.86
N VAL A 171 -1.18 -6.90 -15.34
CA VAL A 171 -2.37 -6.17 -14.83
C VAL A 171 -2.03 -5.55 -13.48
N VAL A 172 -2.35 -4.27 -13.35
CA VAL A 172 -2.21 -3.62 -12.01
C VAL A 172 -3.36 -4.12 -11.10
N THR A 173 -2.98 -4.54 -9.92
CA THR A 173 -3.90 -5.17 -9.02
C THR A 173 -4.93 -4.15 -8.43
N LEU A 174 -6.18 -4.61 -8.38
CA LEU A 174 -7.30 -3.74 -7.87
C LEU A 174 -7.66 -4.11 -6.47
N TRP A 175 -7.00 -5.12 -5.88
CA TRP A 175 -7.48 -5.77 -4.70
C TRP A 175 -7.55 -4.82 -3.45
N TYR A 176 -6.69 -3.80 -3.46
CA TYR A 176 -6.60 -2.87 -2.33
C TYR A 176 -7.09 -1.47 -2.65
N ARG A 177 -7.86 -1.36 -3.72
CA ARG A 177 -8.45 -0.08 -4.13
CA ARG A 177 -8.36 -0.08 -4.15
C ARG A 177 -9.63 0.31 -3.33
N ALA A 178 -9.65 1.57 -2.86
CA ALA A 178 -10.78 2.04 -2.09
C ALA A 178 -12.06 2.23 -2.94
N PRO A 179 -13.19 2.08 -2.30
CA PRO A 179 -14.44 2.12 -3.10
C PRO A 179 -14.68 3.46 -3.75
N GLU A 180 -14.27 4.55 -3.20
CA GLU A 180 -14.46 5.85 -3.82
C GLU A 180 -13.70 5.95 -5.13
N ILE A 181 -12.56 5.28 -5.22
CA ILE A 181 -11.84 5.27 -6.50
C ILE A 181 -12.60 4.49 -7.54
N LEU A 182 -13.07 3.35 -7.11
CA LEU A 182 -13.79 2.45 -8.00
C LEU A 182 -15.10 3.08 -8.45
N LEU A 183 -15.72 3.96 -7.63
CA LEU A 183 -16.99 4.63 -8.00
C LEU A 183 -16.77 5.93 -8.71
N GLY A 184 -15.54 6.29 -9.00
CA GLY A 184 -15.25 7.37 -9.89
C GLY A 184 -14.95 8.71 -9.33
N CYS A 185 -14.67 8.80 -8.03
N CYS A 185 -14.60 8.76 -8.06
CA CYS A 185 -14.40 10.07 -7.36
CA CYS A 185 -14.25 10.01 -7.40
C CYS A 185 -13.15 10.68 -8.02
C CYS A 185 -13.11 10.68 -8.18
N LYS A 186 -13.18 11.98 -8.35
CA LYS A 186 -12.10 12.68 -9.04
C LYS A 186 -10.98 13.07 -8.06
N TYR A 187 -11.37 13.38 -6.83
CA TYR A 187 -10.41 13.84 -5.80
C TYR A 187 -10.17 12.70 -4.79
N TYR A 188 -8.92 12.28 -4.69
CA TYR A 188 -8.61 11.21 -3.74
C TYR A 188 -8.37 11.86 -2.46
N SER A 189 -8.76 11.28 -1.30
CA SER A 189 -8.22 11.79 -0.02
C SER A 189 -7.26 10.77 0.55
N THR A 190 -6.68 11.15 1.67
CA THR A 190 -5.76 10.26 2.40
C THR A 190 -6.44 8.98 2.83
N ALA A 191 -7.77 8.96 2.97
CA ALA A 191 -8.50 7.81 3.33
C ALA A 191 -8.26 6.64 2.34
N VAL A 192 -7.84 6.90 1.11
CA VAL A 192 -7.70 5.76 0.18
C VAL A 192 -6.58 4.87 0.73
N ASP A 193 -5.57 5.47 1.35
CA ASP A 193 -4.45 4.69 1.88
C ASP A 193 -4.84 3.81 3.07
N ILE A 194 -5.67 4.37 3.94
CA ILE A 194 -6.14 3.69 5.14
C ILE A 194 -6.93 2.43 4.67
N TRP A 195 -7.76 2.57 3.64
CA TRP A 195 -8.49 1.40 3.13
C TRP A 195 -7.53 0.32 2.62
N SER A 196 -6.57 0.73 1.83
CA SER A 196 -5.58 -0.24 1.30
C SER A 196 -4.94 -0.95 2.46
N LEU A 197 -4.44 -0.19 3.44
CA LEU A 197 -3.77 -0.85 4.54
C LEU A 197 -4.66 -1.75 5.37
N GLY A 198 -5.97 -1.43 5.50
CA GLY A 198 -6.84 -2.30 6.17
C GLY A 198 -6.98 -3.61 5.42
N CYS A 199 -7.02 -3.55 4.11
CA CYS A 199 -7.10 -4.77 3.30
C CYS A 199 -5.82 -5.61 3.52
N ILE A 200 -4.67 -4.94 3.62
CA ILE A 200 -3.44 -5.67 3.79
C ILE A 200 -3.40 -6.28 5.18
N PHE A 201 -3.89 -5.56 6.19
CA PHE A 201 -3.91 -6.06 7.55
C PHE A 201 -4.72 -7.35 7.60
N ALA A 202 -5.92 -7.30 7.03
CA ALA A 202 -6.80 -8.49 6.97
C ALA A 202 -6.09 -9.66 6.33
N GLU A 203 -5.39 -9.42 5.26
CA GLU A 203 -4.68 -10.44 4.51
C GLU A 203 -3.55 -11.07 5.30
N MET A 204 -2.85 -10.26 6.07
CA MET A 204 -1.81 -10.82 6.98
C MET A 204 -2.40 -11.75 8.00
N VAL A 205 -3.56 -11.39 8.52
CA VAL A 205 -4.24 -12.17 9.55
C VAL A 205 -4.81 -13.43 9.00
N THR A 206 -5.53 -13.35 7.89
CA THR A 206 -6.23 -14.56 7.37
C THR A 206 -5.43 -15.38 6.44
N ARG A 207 -4.33 -14.87 5.89
CA ARG A 207 -3.59 -15.52 4.81
C ARG A 207 -4.30 -15.72 3.52
N ARG A 208 -5.25 -14.85 3.22
CA ARG A 208 -5.84 -14.80 1.96
C ARG A 208 -6.31 -13.35 1.68
N ALA A 209 -6.22 -12.94 0.45
CA ALA A 209 -6.64 -11.54 0.09
C ALA A 209 -8.10 -11.36 0.48
N LEU A 210 -8.43 -10.17 0.95
CA LEU A 210 -9.76 -9.86 1.47
C LEU A 210 -10.75 -9.71 0.29
N PHE A 211 -10.38 -8.95 -0.69
CA PHE A 211 -11.22 -8.61 -1.86
C PHE A 211 -10.46 -8.80 -3.17
N PRO A 212 -10.22 -10.07 -3.66
CA PRO A 212 -9.42 -10.30 -4.84
C PRO A 212 -10.15 -10.11 -6.15
N GLY A 213 -10.60 -8.92 -6.41
CA GLY A 213 -11.28 -8.60 -7.70
C GLY A 213 -10.42 -8.79 -8.93
N ASP A 214 -11.06 -9.21 -9.99
CA ASP A 214 -10.29 -9.35 -11.22
C ASP A 214 -10.79 -8.44 -12.31
N SER A 215 -11.66 -7.46 -11.99
CA SER A 215 -12.12 -6.37 -12.80
C SER A 215 -12.64 -5.27 -11.87
N GLU A 216 -12.89 -4.08 -12.39
CA GLU A 216 -13.39 -3.04 -11.52
C GLU A 216 -14.73 -3.43 -10.90
N ILE A 217 -15.65 -4.01 -11.68
CA ILE A 217 -16.96 -4.33 -11.09
C ILE A 217 -16.87 -5.55 -10.19
N ASP A 218 -15.98 -6.49 -10.47
CA ASP A 218 -15.82 -7.60 -9.60
C ASP A 218 -15.20 -7.17 -8.25
N GLN A 219 -14.30 -6.19 -8.30
CA GLN A 219 -13.76 -5.64 -7.07
C GLN A 219 -14.80 -4.96 -6.25
N LEU A 220 -15.58 -4.12 -6.90
CA LEU A 220 -16.63 -3.40 -6.16
C LEU A 220 -17.66 -4.34 -5.53
N PHE A 221 -18.13 -5.38 -6.32
CA PHE A 221 -19.08 -6.31 -5.84
C PHE A 221 -18.51 -7.25 -4.76
N ARG A 222 -17.23 -7.58 -4.78
CA ARG A 222 -16.65 -8.27 -3.64
C ARG A 222 -16.68 -7.47 -2.39
N ILE A 223 -16.41 -6.20 -2.54
CA ILE A 223 -16.50 -5.29 -1.35
C ILE A 223 -17.96 -5.33 -0.87
N PHE A 224 -18.88 -5.10 -1.80
CA PHE A 224 -20.31 -5.02 -1.45
C PHE A 224 -20.85 -6.26 -0.77
N ARG A 225 -20.40 -7.42 -1.24
CA ARG A 225 -20.84 -8.76 -0.72
C ARG A 225 -20.39 -8.94 0.70
N THR A 226 -19.23 -8.34 1.09
CA THR A 226 -18.76 -8.51 2.49
C THR A 226 -19.25 -7.38 3.40
N LEU A 227 -19.19 -6.12 2.96
CA LEU A 227 -19.45 -4.96 3.79
C LEU A 227 -20.90 -4.38 3.63
N GLY A 228 -21.67 -4.97 2.73
CA GLY A 228 -22.98 -4.44 2.42
C GLY A 228 -22.89 -3.54 1.21
N THR A 229 -23.90 -3.55 0.34
CA THR A 229 -23.98 -2.50 -0.67
C THR A 229 -24.18 -1.17 0.02
N PRO A 230 -23.32 -0.15 -0.23
CA PRO A 230 -23.41 1.12 0.41
C PRO A 230 -24.66 1.87 -0.06
N ASP A 231 -25.19 2.66 0.86
CA ASP A 231 -26.34 3.47 0.59
C ASP A 231 -26.18 4.79 1.22
N GLU A 232 -27.20 5.63 1.10
CA GLU A 232 -27.17 6.98 1.67
C GLU A 232 -27.10 7.03 3.19
N VAL A 233 -27.43 5.93 3.85
CA VAL A 233 -27.42 5.85 5.29
C VAL A 233 -25.99 5.75 5.72
N VAL A 234 -25.23 4.77 5.18
CA VAL A 234 -23.83 4.63 5.66
C VAL A 234 -22.78 5.55 4.99
N TRP A 235 -23.15 6.06 3.79
CA TRP A 235 -22.25 6.87 2.95
C TRP A 235 -23.04 7.99 2.23
N PRO A 236 -23.30 9.07 2.91
CA PRO A 236 -24.04 10.14 2.25
C PRO A 236 -23.26 10.67 0.98
N GLY A 237 -24.00 10.82 -0.09
CA GLY A 237 -23.51 11.21 -1.38
C GLY A 237 -23.13 10.05 -2.26
N VAL A 238 -23.13 8.81 -1.76
CA VAL A 238 -22.71 7.66 -2.55
C VAL A 238 -23.49 7.55 -3.82
N THR A 239 -24.80 7.79 -3.77
CA THR A 239 -25.66 7.49 -4.93
C THR A 239 -25.44 8.54 -6.01
N SER A 240 -24.79 9.64 -5.69
CA SER A 240 -24.41 10.68 -6.68
C SER A 240 -23.03 10.52 -7.30
N MET A 241 -22.34 9.46 -6.92
CA MET A 241 -21.00 9.20 -7.43
C MET A 241 -21.04 9.01 -8.94
N PRO A 242 -19.92 9.29 -9.63
CA PRO A 242 -20.00 9.11 -11.15
C PRO A 242 -20.31 7.71 -11.66
N ASP A 243 -19.75 6.65 -11.06
CA ASP A 243 -19.97 5.31 -11.53
C ASP A 243 -20.98 4.55 -10.67
N TYR A 244 -21.69 5.23 -9.73
CA TYR A 244 -22.71 4.59 -8.98
C TYR A 244 -23.88 4.30 -9.97
N LYS A 245 -24.46 3.14 -9.78
CA LYS A 245 -25.65 2.70 -10.53
C LYS A 245 -26.69 2.16 -9.58
N PRO A 246 -27.93 2.70 -9.65
CA PRO A 246 -29.03 2.22 -8.87
C PRO A 246 -29.30 0.75 -9.03
N SER A 247 -28.85 0.17 -10.15
CA SER A 247 -29.01 -1.24 -10.42
C SER A 247 -28.02 -2.20 -9.73
N PHE A 248 -27.08 -1.61 -8.97
CA PHE A 248 -26.17 -2.48 -8.21
C PHE A 248 -27.04 -3.39 -7.33
N PRO A 249 -26.66 -4.62 -7.24
CA PRO A 249 -27.37 -5.47 -6.31
C PRO A 249 -27.19 -5.02 -4.90
N LYS A 250 -28.14 -5.41 -4.06
CA LYS A 250 -28.22 -4.94 -2.70
C LYS A 250 -27.91 -6.15 -1.77
N TRP A 251 -26.63 -6.25 -1.37
CA TRP A 251 -26.13 -7.27 -0.47
C TRP A 251 -26.14 -6.77 0.96
N ALA A 252 -26.57 -7.63 1.88
CA ALA A 252 -26.50 -7.27 3.31
C ALA A 252 -25.08 -7.33 3.80
N ARG A 253 -24.76 -6.54 4.81
CA ARG A 253 -23.44 -6.64 5.42
C ARG A 253 -23.22 -7.96 6.20
N GLN A 254 -21.98 -8.45 6.21
CA GLN A 254 -21.56 -9.55 7.13
C GLN A 254 -20.84 -9.09 8.37
N ASP A 255 -20.72 -9.96 9.40
CA ASP A 255 -19.90 -9.63 10.58
C ASP A 255 -18.47 -9.78 10.34
N PHE A 256 -17.72 -8.91 10.97
CA PHE A 256 -16.22 -9.10 11.01
C PHE A 256 -15.65 -10.34 11.66
N SER A 257 -16.46 -10.91 12.57
CA SER A 257 -16.05 -12.13 13.19
C SER A 257 -15.97 -13.21 12.12
N LYS A 258 -16.81 -13.11 11.09
CA LYS A 258 -16.70 -14.01 9.94
C LYS A 258 -15.57 -13.60 8.95
N VAL A 259 -15.23 -12.32 8.92
CA VAL A 259 -14.32 -11.84 7.91
C VAL A 259 -12.84 -12.04 8.25
N VAL A 260 -12.46 -11.78 9.50
CA VAL A 260 -11.07 -11.98 9.89
C VAL A 260 -10.85 -12.84 11.13
N PRO A 261 -11.52 -14.03 11.24
CA PRO A 261 -11.29 -14.85 12.37
C PRO A 261 -9.81 -15.30 12.27
N PRO A 262 -9.10 -15.39 13.36
CA PRO A 262 -9.57 -15.39 14.72
C PRO A 262 -9.08 -14.09 15.38
N LEU A 263 -8.98 -12.98 14.63
CA LEU A 263 -8.54 -11.74 15.17
C LEU A 263 -9.40 -11.28 16.35
N ASP A 264 -8.73 -10.71 17.35
CA ASP A 264 -9.38 -10.26 18.56
C ASP A 264 -10.21 -9.05 18.37
N GLU A 265 -11.03 -8.76 19.37
CA GLU A 265 -11.94 -7.62 19.35
C GLU A 265 -11.27 -6.29 19.04
N ASP A 266 -10.11 -6.03 19.63
CA ASP A 266 -9.46 -4.76 19.37
C ASP A 266 -9.08 -4.67 17.88
N GLY A 267 -8.47 -5.75 17.37
CA GLY A 267 -8.10 -5.74 15.94
C GLY A 267 -9.33 -5.59 15.00
N ARG A 268 -10.39 -6.32 15.33
CA ARG A 268 -11.62 -6.27 14.56
C ARG A 268 -12.15 -4.84 14.54
N SER A 269 -12.20 -4.22 15.71
CA SER A 269 -12.69 -2.83 15.79
C SER A 269 -11.88 -1.83 14.99
N LEU A 270 -10.57 -1.97 15.06
CA LEU A 270 -9.69 -1.15 14.26
C LEU A 270 -9.92 -1.40 12.76
N LEU A 271 -9.93 -2.62 12.33
CA LEU A 271 -10.10 -2.97 10.95
C LEU A 271 -11.46 -2.40 10.44
N SER A 272 -12.49 -2.54 11.23
CA SER A 272 -13.81 -2.01 10.82
CA SER A 272 -13.81 -1.99 10.82
C SER A 272 -13.72 -0.50 10.57
N GLN A 273 -12.98 0.23 11.38
CA GLN A 273 -12.84 1.64 11.20
C GLN A 273 -11.98 2.03 9.99
N MET A 274 -11.01 1.15 9.65
CA MET A 274 -10.20 1.40 8.44
C MET A 274 -10.99 1.06 7.14
N LEU A 275 -12.07 0.29 7.29
CA LEU A 275 -12.86 -0.13 6.11
C LEU A 275 -14.23 0.58 6.10
N HIS A 276 -14.38 1.66 6.86
CA HIS A 276 -15.65 2.48 6.73
C HIS A 276 -15.80 2.88 5.23
N TYR A 277 -17.05 2.79 4.71
CA TYR A 277 -17.28 3.25 3.35
C TYR A 277 -17.04 4.72 3.15
N ASP A 278 -17.66 5.53 4.01
CA ASP A 278 -17.50 6.99 3.92
C ASP A 278 -16.04 7.37 4.15
N PRO A 279 -15.43 8.12 3.20
CA PRO A 279 -14.05 8.36 3.53
C PRO A 279 -13.85 9.41 4.60
N ASN A 280 -14.89 10.18 4.87
CA ASN A 280 -14.87 11.09 5.98
C ASN A 280 -15.05 10.42 7.35
N LYS A 281 -15.59 9.23 7.44
CA LYS A 281 -15.71 8.52 8.70
C LYS A 281 -14.52 7.60 8.91
N ARG A 282 -13.81 7.26 7.81
CA ARG A 282 -12.74 6.27 7.92
C ARG A 282 -11.68 6.83 8.89
N ILE A 283 -11.12 5.94 9.73
CA ILE A 283 -10.13 6.35 10.73
C ILE A 283 -8.91 6.95 10.00
N SER A 284 -8.33 8.02 10.53
CA SER A 284 -7.06 8.56 10.10
C SER A 284 -5.88 7.70 10.61
N ALA A 285 -4.71 7.90 9.99
CA ALA A 285 -3.51 7.14 10.44
C ALA A 285 -3.24 7.59 11.84
N LYS A 286 -3.29 8.90 12.06
CA LYS A 286 -2.95 9.38 13.38
C LYS A 286 -3.86 8.84 14.47
N ALA A 287 -5.14 8.84 14.24
CA ALA A 287 -6.08 8.22 15.19
C ALA A 287 -5.96 6.76 15.35
N ALA A 288 -5.61 6.06 14.27
CA ALA A 288 -5.39 4.65 14.36
C ALA A 288 -4.20 4.31 15.26
N LEU A 289 -3.16 5.13 15.25
CA LEU A 289 -2.01 4.85 16.13
C LEU A 289 -2.42 4.90 17.67
N ALA A 290 -3.49 5.64 17.96
CA ALA A 290 -4.01 5.71 19.33
C ALA A 290 -4.99 4.61 19.71
N HIS A 291 -5.32 3.71 18.79
CA HIS A 291 -6.27 2.70 19.02
C HIS A 291 -5.77 1.69 20.06
N PRO A 292 -6.71 1.22 20.90
CA PRO A 292 -6.26 0.28 21.96
C PRO A 292 -5.58 -0.99 21.43
N PHE A 293 -5.78 -1.38 20.16
CA PHE A 293 -5.07 -2.48 19.58
C PHE A 293 -3.57 -2.37 19.75
N PHE A 294 -3.02 -1.16 19.75
CA PHE A 294 -1.58 -0.94 19.86
C PHE A 294 -1.08 -0.74 21.31
N GLN A 295 -1.95 -0.90 22.30
CA GLN A 295 -1.50 -0.74 23.72
C GLN A 295 -0.30 -1.63 24.04
N ASP A 296 -0.21 -2.80 23.43
CA ASP A 296 0.88 -3.76 23.70
C ASP A 296 1.76 -3.98 22.52
N VAL A 297 1.84 -2.97 21.66
CA VAL A 297 2.67 -3.17 20.47
C VAL A 297 4.17 -3.31 20.93
N THR A 298 4.88 -4.10 20.16
CA THR A 298 6.31 -4.38 20.32
C THR A 298 6.94 -4.40 18.94
N LYS A 299 8.26 -4.59 18.87
CA LYS A 299 8.94 -4.65 17.60
C LYS A 299 9.73 -6.01 17.50
N PRO A 300 9.08 -7.10 17.12
CA PRO A 300 9.70 -8.35 16.92
C PRO A 300 10.60 -8.34 15.69
N VAL A 301 11.52 -9.28 15.66
CA VAL A 301 12.44 -9.52 14.59
C VAL A 301 11.84 -10.67 13.73
N PRO A 302 11.66 -10.47 12.43
CA PRO A 302 11.17 -11.59 11.63
C PRO A 302 12.28 -12.58 11.36
N HIS A 303 11.92 -13.80 11.05
CA HIS A 303 12.94 -14.69 10.50
C HIS A 303 13.00 -14.55 8.99
N LEU A 304 14.08 -13.91 8.45
CA LEU A 304 14.25 -13.74 7.01
C LEU A 304 15.38 -14.60 6.49
N ARG A 305 15.08 -15.24 5.38
CA ARG A 305 15.97 -16.09 4.62
C ARG A 305 16.28 -15.25 3.40
N LEU A 306 17.53 -14.77 3.31
CA LEU A 306 17.96 -13.88 2.20
C LEU A 306 18.90 -14.65 1.30
C4 FB8 B . 11.51 -0.47 -5.14
C14 FB8 B . 11.39 -6.47 -3.99
C5 FB8 B . 12.50 -0.96 -4.21
C6 FB8 B . 13.17 -0.07 -3.37
C11 FB8 B . 13.41 -7.60 -3.44
C7 FB8 B . 14.02 -0.63 -2.45
C8 FB8 B . 13.64 -2.73 -3.26
C9 FB8 B . 13.35 -5.20 -3.38
C10 FB8 B . 14.01 -6.40 -3.15
C12 FB8 B . 12.10 -7.64 -3.80
C13 FB8 B . 12.59 -10.36 -4.21
N1 FB8 B . 10.43 0.88 -6.59
N2 FB8 B . 14.33 -1.93 -2.42
C3 FB8 B . 11.47 0.77 -5.72
N3 FB8 B . 14.03 -4.01 -3.08
C1 FB8 B . 8.56 -0.59 -7.34
C2 FB8 B . 9.78 -0.28 -6.54
S1 FB8 B . 11.31 -9.19 -4.05
O1 FB8 B . 10.68 -9.51 -2.79
O2 FB8 B . 10.55 -9.07 -5.26
C15 FB8 B . 12.00 -5.26 -3.78
N4 FB8 B . 12.73 -2.29 -4.15
N5 FB8 B . 10.43 -1.19 -5.72
C16 FB8 B . 10.00 -2.51 -5.35
C17 FB8 B . 8.61 -2.40 -4.69
C18 FB8 B . 10.14 -3.42 -6.52
C1 EDO C . 11.63 -15.32 4.99
O1 EDO C . 10.58 -16.05 5.63
C2 EDO C . 11.51 -15.16 3.47
O2 EDO C . 10.28 -14.51 3.09
C1 EDO D . -16.11 -5.32 14.88
O1 EDO D . -16.30 -6.35 15.83
C2 EDO D . -16.61 -4.06 15.55
O2 EDO D . -15.74 -3.72 16.61
#